data_4AA6
#
_entry.id   4AA6
#
_cell.length_a   121.677
_cell.length_b   113.093
_cell.length_c   62.363
_cell.angle_alpha   90.00
_cell.angle_beta   117.45
_cell.angle_gamma   90.00
#
_symmetry.space_group_name_H-M   'C 1 2 1'
#
loop_
_entity.id
_entity.type
_entity.pdbx_description
1 polymer 'ESTROGEN RECEPTOR'
2 polymer "5'-D(*CP*TP*AP*AP*GP*TP*CP*AP*CP*AP*GP*TP*GP*AP *CP*CP*TP*G)-3'"
3 polymer "5'-D(*TP*CP*AP*GP*GP*TP*CP*AP*CP*TP*GP*TP*GP*AP *CP*TP*TP*A)-3'"
4 non-polymer 'ZINC ION'
5 water water
#
loop_
_entity_poly.entity_id
_entity_poly.type
_entity_poly.pdbx_seq_one_letter_code
_entity_poly.pdbx_strand_id
1 'polypeptide(L)' TRYCAVCNDYASGYHYGVWSCEGCKAFFKRSIQGHNDYMCPATNQCTIDKNRRKSCQACRLRKCYEVGMMK A,B,E,F
2 'polydeoxyribonucleotide' (DC)(DT)(DA)(DA)(DG)(DT)(DC)(DA)(DC)(DA)(DG)(DT)(DG)(DA)(DC)(DC)(DT)(DG) C,G
3 'polydeoxyribonucleotide' (DT)(DC)(DA)(DG)(DG)(DT)(DC)(DA)(DC)(DT)(DG)(DT)(DG)(DA)(DC)(DT)(DT)(DA) D,H
#
# COMPACT_ATOMS: atom_id res chain seq x y z
N THR A 1 -17.57 6.59 -0.05
CA THR A 1 -16.80 5.36 -0.04
C THR A 1 -16.77 4.81 1.37
N ARG A 2 -16.76 3.48 1.48
CA ARG A 2 -16.71 2.82 2.78
C ARG A 2 -15.27 2.54 3.18
N TYR A 3 -15.01 2.76 4.46
CA TYR A 3 -13.69 2.54 5.04
C TYR A 3 -13.89 1.63 6.23
N CYS A 4 -12.85 0.90 6.56
CA CYS A 4 -12.89 -0.03 7.66
C CYS A 4 -13.06 0.72 8.97
N ALA A 5 -14.09 0.34 9.72
CA ALA A 5 -14.38 0.96 10.98
C ALA A 5 -13.23 0.83 11.97
N VAL A 6 -12.38 -0.18 11.79
CA VAL A 6 -11.27 -0.41 12.70
C VAL A 6 -9.94 0.22 12.29
N CYS A 7 -9.56 0.12 11.03
CA CYS A 7 -8.28 0.64 10.57
C CYS A 7 -8.35 1.66 9.43
N ASN A 8 -9.56 2.00 9.01
CA ASN A 8 -9.77 2.96 7.93
C ASN A 8 -9.32 2.52 6.55
N ASP A 9 -8.91 1.27 6.39
CA ASP A 9 -8.51 0.79 5.07
C ASP A 9 -9.80 0.59 4.29
N TYR A 10 -9.72 0.53 2.97
CA TYR A 10 -10.90 0.32 2.15
C TYR A 10 -11.63 -0.94 2.64
N ALA A 11 -12.89 -0.79 3.03
CA ALA A 11 -13.65 -1.93 3.53
C ALA A 11 -14.09 -2.83 2.39
N SER A 12 -14.08 -4.13 2.65
CA SER A 12 -14.46 -5.12 1.65
C SER A 12 -15.98 -5.27 1.61
N GLY A 13 -16.60 -5.16 2.79
CA GLY A 13 -18.03 -5.30 2.89
C GLY A 13 -18.46 -5.10 4.33
N TYR A 14 -19.68 -5.53 4.63
CA TYR A 14 -20.23 -5.38 5.96
C TYR A 14 -20.03 -6.69 6.71
N HIS A 15 -18.97 -6.76 7.49
CA HIS A 15 -18.67 -7.98 8.24
C HIS A 15 -18.92 -7.79 9.71
N TYR A 16 -19.42 -8.85 10.35
CA TYR A 16 -19.70 -8.84 11.79
C TYR A 16 -20.47 -7.61 12.26
N GLY A 17 -21.45 -7.21 11.45
CA GLY A 17 -22.28 -6.07 11.80
C GLY A 17 -21.64 -4.73 11.62
N VAL A 18 -20.44 -4.70 11.03
CA VAL A 18 -19.73 -3.44 10.79
C VAL A 18 -18.97 -3.48 9.48
N TRP A 19 -18.61 -2.31 8.95
CA TRP A 19 -17.83 -2.22 7.73
C TRP A 19 -16.37 -2.54 8.08
N SER A 20 -15.78 -3.50 7.39
CA SER A 20 -14.40 -3.85 7.67
C SER A 20 -13.65 -4.36 6.46
N CYS A 21 -12.34 -4.17 6.49
CA CYS A 21 -11.48 -4.61 5.43
C CYS A 21 -11.37 -6.13 5.65
N GLU A 22 -10.77 -6.84 4.70
CA GLU A 22 -10.60 -8.29 4.86
C GLU A 22 -9.69 -8.59 6.03
N GLY A 23 -8.75 -7.68 6.29
CA GLY A 23 -7.80 -7.83 7.38
C GLY A 23 -8.42 -7.91 8.76
N CYS A 24 -9.21 -6.90 9.11
CA CYS A 24 -9.85 -6.89 10.42
C CYS A 24 -10.89 -7.98 10.59
N LYS A 25 -11.51 -8.38 9.48
CA LYS A 25 -12.51 -9.44 9.50
C LYS A 25 -11.81 -10.74 9.92
N ALA A 26 -10.78 -11.11 9.18
CA ALA A 26 -10.01 -12.34 9.47
C ALA A 26 -9.40 -12.28 10.86
N PHE A 27 -8.87 -11.10 11.20
CA PHE A 27 -8.26 -10.88 12.50
C PHE A 27 -9.26 -11.13 13.61
N PHE A 28 -10.41 -10.46 13.52
CA PHE A 28 -11.46 -10.62 14.53
C PHE A 28 -11.83 -12.10 14.64
N LYS A 29 -12.03 -12.74 13.49
CA LYS A 29 -12.37 -14.16 13.44
C LYS A 29 -11.33 -14.95 14.22
N ARG A 30 -10.07 -14.76 13.87
CA ARG A 30 -8.98 -15.47 14.55
C ARG A 30 -8.95 -15.21 16.04
N SER A 31 -9.09 -13.93 16.41
CA SER A 31 -9.06 -13.57 17.81
C SER A 31 -10.12 -14.26 18.65
N ILE A 32 -11.34 -14.32 18.13
CA ILE A 32 -12.43 -15.00 18.85
C ILE A 32 -12.34 -16.51 18.62
N HIS A 35 -8.96 -17.75 21.24
CA HIS A 35 -9.12 -16.87 22.39
C HIS A 35 -7.78 -16.20 22.72
N ASN A 36 -7.35 -15.32 21.82
CA ASN A 36 -6.08 -14.62 21.96
C ASN A 36 -6.07 -13.43 22.91
N ASP A 37 -5.05 -13.40 23.75
CA ASP A 37 -4.84 -12.33 24.73
C ASP A 37 -3.60 -11.57 24.24
N TYR A 38 -3.78 -10.29 23.95
CA TYR A 38 -2.69 -9.47 23.44
C TYR A 38 -2.17 -8.43 24.43
N MET A 39 -1.01 -7.85 24.12
CA MET A 39 -0.40 -6.84 24.96
C MET A 39 0.04 -5.65 24.11
N CYS A 40 -0.40 -4.46 24.49
CA CYS A 40 -0.04 -3.27 23.75
C CYS A 40 1.41 -2.90 24.04
N PRO A 41 2.16 -2.49 23.02
CA PRO A 41 3.56 -2.12 23.22
C PRO A 41 3.70 -0.71 23.83
N ALA A 42 2.61 0.07 23.75
CA ALA A 42 2.62 1.42 24.28
C ALA A 42 1.61 1.62 25.42
N THR A 43 0.63 2.50 25.22
CA THR A 43 -0.35 2.82 26.26
C THR A 43 -1.81 2.62 25.90
N ASN A 44 -2.12 1.61 25.08
CA ASN A 44 -3.49 1.30 24.68
C ASN A 44 -4.23 2.46 24.02
N GLN A 45 -3.54 3.18 23.13
CA GLN A 45 -4.13 4.31 22.44
C GLN A 45 -3.46 4.43 21.10
N CYS A 46 -3.07 3.29 20.57
CA CYS A 46 -2.39 3.26 19.28
C CYS A 46 -3.25 3.76 18.15
N THR A 47 -2.60 4.29 17.13
CA THR A 47 -3.26 4.77 15.94
C THR A 47 -3.30 3.61 14.95
N ILE A 48 -4.37 2.83 15.01
CA ILE A 48 -4.54 1.67 14.16
C ILE A 48 -4.97 2.06 12.75
N ASP A 49 -4.09 1.79 11.79
CA ASP A 49 -4.37 2.05 10.40
C ASP A 49 -3.78 0.90 9.58
N LYS A 50 -3.83 1.01 8.25
CA LYS A 50 -3.30 -0.04 7.38
C LYS A 50 -1.84 -0.39 7.67
N ASN A 51 -1.02 0.63 7.89
CA ASN A 51 0.40 0.40 8.18
C ASN A 51 0.80 0.11 9.62
N ARG A 52 -0.16 0.07 10.55
CA ARG A 52 0.19 -0.18 11.95
C ARG A 52 -0.65 -1.21 12.66
N ARG A 53 -1.71 -1.68 12.00
CA ARG A 53 -2.62 -2.67 12.56
C ARG A 53 -1.92 -4.00 12.90
N LYS A 54 -0.83 -4.31 12.19
CA LYS A 54 -0.07 -5.52 12.46
C LYS A 54 0.76 -5.37 13.73
N SER A 55 1.23 -4.15 14.00
CA SER A 55 2.06 -3.88 15.17
C SER A 55 1.35 -4.06 16.50
N CYS A 56 0.22 -3.38 16.70
CA CYS A 56 -0.49 -3.56 17.96
C CYS A 56 -1.76 -4.37 17.77
N GLN A 57 -1.77 -5.58 18.32
CA GLN A 57 -2.91 -6.47 18.22
C GLN A 57 -3.92 -6.17 19.30
N ALA A 58 -3.43 -5.73 20.46
CA ALA A 58 -4.29 -5.36 21.58
C ALA A 58 -5.23 -4.22 21.19
N CYS A 59 -4.69 -3.14 20.65
CA CYS A 59 -5.51 -2.01 20.25
C CYS A 59 -6.40 -2.33 19.05
N ARG A 60 -5.99 -3.29 18.23
CA ARG A 60 -6.79 -3.66 17.07
C ARG A 60 -8.07 -4.37 17.52
N LEU A 61 -7.92 -5.31 18.44
CA LEU A 61 -9.06 -6.06 18.97
C LEU A 61 -9.94 -5.15 19.81
N ARG A 62 -9.30 -4.23 20.54
CA ARG A 62 -10.00 -3.27 21.37
C ARG A 62 -11.00 -2.54 20.47
N LYS A 63 -10.48 -1.96 19.40
CA LYS A 63 -11.29 -1.24 18.42
C LYS A 63 -12.34 -2.11 17.73
N CYS A 64 -12.02 -3.38 17.54
CA CYS A 64 -12.96 -4.31 16.92
C CYS A 64 -14.24 -4.34 17.76
N TYR A 65 -14.07 -4.50 19.06
CA TYR A 65 -15.23 -4.52 19.96
C TYR A 65 -15.87 -3.14 20.06
N GLU A 66 -15.06 -2.11 20.18
CA GLU A 66 -15.55 -0.75 20.28
C GLU A 66 -16.46 -0.35 19.14
N VAL A 67 -16.13 -0.78 17.93
CA VAL A 67 -16.93 -0.42 16.77
C VAL A 67 -18.18 -1.28 16.61
N GLY A 68 -18.33 -2.28 17.47
CA GLY A 68 -19.52 -3.10 17.40
C GLY A 68 -19.43 -4.46 16.73
N MET A 69 -18.23 -4.99 16.53
CA MET A 69 -18.09 -6.32 15.91
C MET A 69 -18.62 -7.37 16.87
N MET A 70 -19.52 -8.22 16.37
CA MET A 70 -20.12 -9.26 17.18
C MET A 70 -19.53 -10.63 16.88
N LYS A 71 -19.17 -11.36 17.94
CA LYS A 71 -18.60 -12.69 17.82
C LYS A 71 -19.69 -13.71 17.49
N THR B 1 26.56 -8.47 30.79
CA THR B 1 26.97 -9.85 30.54
C THR B 1 25.97 -10.81 31.15
N ARG B 2 24.71 -10.68 30.75
CA ARG B 2 23.66 -11.56 31.27
C ARG B 2 22.33 -11.38 30.53
N TYR B 3 21.71 -10.21 30.68
CA TYR B 3 20.43 -9.93 30.04
C TYR B 3 20.58 -9.11 28.77
N CYS B 4 19.55 -9.17 27.93
CA CYS B 4 19.53 -8.47 26.66
C CYS B 4 19.39 -6.97 26.90
N ALA B 5 20.31 -6.20 26.35
CA ALA B 5 20.29 -4.75 26.51
C ALA B 5 19.11 -4.10 25.80
N VAL B 6 18.47 -4.85 24.90
CA VAL B 6 17.34 -4.33 24.13
C VAL B 6 15.95 -4.67 24.68
N CYS B 7 15.68 -5.94 24.92
CA CYS B 7 14.37 -6.37 25.41
C CYS B 7 14.42 -6.97 26.80
N ASN B 8 15.63 -7.01 27.37
CA ASN B 8 15.87 -7.55 28.70
C ASN B 8 15.52 -9.03 28.85
N ASP B 9 15.66 -9.79 27.77
CA ASP B 9 15.40 -11.21 27.82
C ASP B 9 16.78 -11.86 28.00
N TYR B 10 16.83 -13.14 28.37
CA TYR B 10 18.10 -13.83 28.54
C TYR B 10 18.95 -13.68 27.28
N ALA B 11 20.07 -12.97 27.42
CA ALA B 11 20.96 -12.74 26.29
C ALA B 11 21.91 -13.90 26.11
N SER B 12 22.11 -14.28 24.85
CA SER B 12 22.99 -15.37 24.49
C SER B 12 24.46 -14.95 24.61
N GLY B 13 24.83 -13.90 23.90
CA GLY B 13 26.19 -13.44 23.95
C GLY B 13 26.32 -12.00 23.51
N TYR B 14 27.50 -11.65 23.04
CA TYR B 14 27.78 -10.29 22.60
C TYR B 14 27.51 -10.24 21.11
N HIS B 15 26.51 -9.48 20.72
CA HIS B 15 26.15 -9.36 19.30
C HIS B 15 26.16 -7.89 18.94
N TYR B 16 26.79 -7.56 17.82
CA TYR B 16 26.88 -6.20 17.32
C TYR B 16 27.41 -5.15 18.29
N GLY B 17 28.04 -5.61 19.37
CA GLY B 17 28.60 -4.68 20.34
C GLY B 17 27.87 -4.58 21.66
N VAL B 18 26.76 -5.33 21.79
CA VAL B 18 26.00 -5.30 23.02
C VAL B 18 25.56 -6.72 23.35
N TRP B 19 25.31 -6.97 24.62
CA TRP B 19 24.87 -8.28 25.06
C TRP B 19 23.41 -8.37 24.61
N SER B 20 23.07 -9.39 23.82
CA SER B 20 21.69 -9.53 23.35
C SER B 20 21.20 -10.95 23.17
N CYS B 21 19.89 -11.07 23.00
CA CYS B 21 19.23 -12.36 22.79
C CYS B 21 19.30 -12.66 21.28
N GLU B 22 18.90 -13.86 20.87
CA GLU B 22 18.94 -14.23 19.46
C GLU B 22 17.92 -13.39 18.69
N GLY B 23 16.84 -13.04 19.37
CA GLY B 23 15.80 -12.23 18.76
C GLY B 23 16.35 -10.89 18.30
N CYS B 24 16.83 -10.09 19.24
CA CYS B 24 17.36 -8.77 18.91
C CYS B 24 18.57 -8.86 17.99
N LYS B 25 19.31 -9.95 18.10
CA LYS B 25 20.48 -10.17 17.24
C LYS B 25 19.99 -10.27 15.78
N ALA B 26 19.08 -11.22 15.55
CA ALA B 26 18.52 -11.44 14.22
C ALA B 26 17.81 -10.20 13.70
N PHE B 27 17.09 -9.53 14.60
CA PHE B 27 16.37 -8.32 14.22
C PHE B 27 17.31 -7.26 13.66
N PHE B 28 18.36 -6.91 14.40
CA PHE B 28 19.32 -5.90 13.95
C PHE B 28 19.96 -6.38 12.65
N LYS B 29 20.30 -7.66 12.60
CA LYS B 29 20.90 -8.28 11.42
C LYS B 29 20.07 -7.90 10.19
N ARG B 30 18.79 -8.26 10.20
CA ARG B 30 17.89 -7.96 9.09
C ARG B 30 17.67 -6.47 8.89
N SER B 31 17.58 -5.72 9.98
CA SER B 31 17.35 -4.29 9.89
C SER B 31 18.47 -3.59 9.13
N ILE B 32 19.72 -3.97 9.40
CA ILE B 32 20.85 -3.36 8.71
C ILE B 32 21.01 -3.96 7.31
N GLN B 33 20.46 -5.15 7.12
CA GLN B 33 20.50 -5.84 5.84
C GLN B 33 19.65 -5.10 4.81
N GLY B 34 18.51 -4.58 5.25
CA GLY B 34 17.62 -3.85 4.36
C GLY B 34 16.16 -4.12 4.64
N HIS B 35 15.40 -3.07 4.85
CA HIS B 35 13.97 -3.17 5.13
C HIS B 35 13.24 -1.95 4.57
N ASP B 37 10.42 0.13 5.81
CA ASP B 37 10.09 1.24 6.69
C ASP B 37 9.28 0.74 7.87
N TYR B 38 9.85 0.86 9.06
CA TYR B 38 9.18 0.42 10.27
C TYR B 38 8.26 1.55 10.70
N MET B 39 7.04 1.21 11.11
CA MET B 39 6.09 2.23 11.53
C MET B 39 5.71 1.96 12.98
N CYS B 40 5.85 2.96 13.84
CA CYS B 40 5.47 2.79 15.23
C CYS B 40 3.96 2.97 15.33
N PRO B 41 3.25 2.05 16.02
CA PRO B 41 1.80 2.20 16.14
C PRO B 41 1.36 3.25 17.15
N ALA B 42 2.32 3.96 17.75
CA ALA B 42 1.97 4.93 18.76
C ALA B 42 2.79 6.22 18.75
N THR B 43 3.57 6.45 19.82
CA THR B 43 4.33 7.70 19.94
C THR B 43 5.84 7.61 19.94
N ASN B 44 6.41 6.60 19.30
CA ASN B 44 7.86 6.40 19.23
C ASN B 44 8.44 6.30 20.64
N GLN B 45 7.73 5.63 21.53
CA GLN B 45 8.15 5.47 22.92
C GLN B 45 7.59 4.18 23.47
N CYS B 46 7.60 3.12 22.67
CA CYS B 46 7.08 1.85 23.14
C CYS B 46 8.03 1.19 24.10
N THR B 47 7.50 0.23 24.86
CA THR B 47 8.25 -0.53 25.83
C THR B 47 8.73 -1.80 25.14
N ILE B 48 10.03 -1.90 24.92
CA ILE B 48 10.57 -3.07 24.28
C ILE B 48 10.92 -4.08 25.35
N ASP B 49 10.32 -5.26 25.25
CA ASP B 49 10.57 -6.34 26.18
C ASP B 49 10.21 -7.67 25.53
N LYS B 50 10.35 -8.76 26.28
CA LYS B 50 10.07 -10.11 25.79
C LYS B 50 8.74 -10.30 25.06
N ASN B 51 7.73 -9.54 25.46
CA ASN B 51 6.41 -9.67 24.82
C ASN B 51 5.87 -8.40 24.18
N ARG B 52 6.76 -7.54 23.68
CA ARG B 52 6.36 -6.31 23.01
C ARG B 52 7.31 -5.95 21.88
N ARG B 53 8.46 -6.61 21.85
CA ARG B 53 9.45 -6.34 20.81
C ARG B 53 8.92 -6.65 19.42
N LYS B 54 8.15 -7.73 19.30
CA LYS B 54 7.57 -8.11 18.02
C LYS B 54 6.55 -7.07 17.54
N SER B 55 5.87 -6.41 18.47
CA SER B 55 4.87 -5.41 18.14
C SER B 55 5.42 -4.12 17.52
N CYS B 56 6.42 -3.51 18.15
CA CYS B 56 6.97 -2.30 17.54
C CYS B 56 8.41 -2.47 17.02
N GLN B 57 8.54 -2.55 15.71
CA GLN B 57 9.83 -2.72 15.08
C GLN B 57 10.58 -1.40 15.06
N ALA B 58 9.83 -0.31 14.99
CA ALA B 58 10.44 1.01 14.95
C ALA B 58 11.15 1.36 16.24
N CYS B 59 10.50 1.12 17.38
CA CYS B 59 11.11 1.40 18.66
C CYS B 59 12.14 0.33 19.06
N ARG B 60 12.01 -0.88 18.51
CA ARG B 60 12.96 -1.94 18.79
C ARG B 60 14.30 -1.60 18.12
N LEU B 61 14.23 -1.13 16.88
CA LEU B 61 15.43 -0.75 16.16
C LEU B 61 16.02 0.49 16.82
N ARG B 62 15.16 1.43 17.18
CA ARG B 62 15.56 2.67 17.83
C ARG B 62 16.39 2.29 19.05
N LYS B 63 15.89 1.33 19.81
CA LYS B 63 16.57 0.87 21.00
C LYS B 63 17.87 0.15 20.67
N CYS B 64 17.86 -0.72 19.66
CA CYS B 64 19.07 -1.45 19.26
C CYS B 64 20.23 -0.47 19.11
N TYR B 65 19.96 0.65 18.47
CA TYR B 65 20.98 1.66 18.27
C TYR B 65 21.29 2.38 19.58
N GLU B 66 20.25 2.72 20.33
CA GLU B 66 20.43 3.43 21.60
C GLU B 66 21.35 2.69 22.55
N VAL B 67 21.17 1.38 22.66
CA VAL B 67 21.97 0.57 23.56
C VAL B 67 23.39 0.30 23.05
N GLY B 68 23.69 0.73 21.82
CA GLY B 68 25.03 0.53 21.30
C GLY B 68 25.31 -0.37 20.12
N MET B 69 24.33 -1.12 19.63
CA MET B 69 24.58 -1.99 18.48
C MET B 69 25.02 -1.18 17.27
N MET B 70 25.99 -1.72 16.54
CA MET B 70 26.54 -1.06 15.36
C MET B 70 26.66 -2.07 14.22
N LYS B 71 26.58 -1.57 12.99
CA LYS B 71 26.68 -2.41 11.79
C LYS B 71 28.07 -3.00 11.62
N ARG E 2 -23.33 13.65 -32.06
CA ARG E 2 -23.03 12.23 -31.92
C ARG E 2 -21.63 12.00 -31.34
N TYR E 3 -21.40 12.51 -30.14
CA TYR E 3 -20.11 12.36 -29.48
C TYR E 3 -20.26 11.55 -28.22
N CYS E 4 -19.27 10.72 -27.92
CA CYS E 4 -19.31 9.88 -26.75
C CYS E 4 -19.41 10.74 -25.51
N ALA E 5 -20.43 10.48 -24.70
CA ALA E 5 -20.65 11.24 -23.48
C ALA E 5 -19.53 11.04 -22.46
N VAL E 6 -18.85 9.90 -22.57
CA VAL E 6 -17.78 9.56 -21.64
C VAL E 6 -16.39 10.03 -22.04
N CYS E 7 -16.00 9.80 -23.30
CA CYS E 7 -14.66 10.17 -23.74
C CYS E 7 -14.57 11.13 -24.93
N ASN E 8 -15.71 11.65 -25.36
CA ASN E 8 -15.78 12.60 -26.47
C ASN E 8 -15.38 12.09 -27.86
N ASP E 9 -15.08 10.79 -27.97
CA ASP E 9 -14.74 10.22 -29.27
C ASP E 9 -16.08 10.11 -29.99
N TYR E 10 -16.07 10.05 -31.32
CA TYR E 10 -17.33 9.91 -32.07
C TYR E 10 -18.13 8.74 -31.52
N ALA E 11 -19.39 8.98 -31.19
CA ALA E 11 -20.26 7.95 -30.65
C ALA E 11 -20.84 7.09 -31.77
N SER E 12 -20.83 5.79 -31.56
CA SER E 12 -21.36 4.84 -32.53
C SER E 12 -22.88 4.76 -32.45
N GLY E 13 -23.41 4.69 -31.23
CA GLY E 13 -24.83 4.59 -31.03
C GLY E 13 -25.23 4.86 -29.61
N TYR E 14 -26.49 4.62 -29.28
CA TYR E 14 -27.00 4.86 -27.94
C TYR E 14 -26.83 3.61 -27.10
N HIS E 15 -25.61 3.34 -26.67
CA HIS E 15 -25.33 2.15 -25.87
C HIS E 15 -25.51 2.33 -24.37
N TYR E 16 -26.18 1.37 -23.75
CA TYR E 16 -26.46 1.39 -22.32
C TYR E 16 -27.17 2.66 -21.87
N GLY E 17 -27.91 3.26 -22.80
CA GLY E 17 -28.66 4.47 -22.50
C GLY E 17 -27.89 5.75 -22.72
N VAL E 18 -26.62 5.63 -23.09
CA VAL E 18 -25.77 6.80 -23.31
C VAL E 18 -25.18 6.78 -24.71
N TRP E 19 -25.11 7.95 -25.34
CA TRP E 19 -24.53 8.06 -26.67
C TRP E 19 -23.03 7.81 -26.48
N SER E 20 -22.58 6.60 -26.77
CA SER E 20 -21.19 6.25 -26.59
C SER E 20 -20.49 5.59 -27.76
N CYS E 21 -19.16 5.58 -27.68
CA CYS E 21 -18.31 4.99 -28.67
C CYS E 21 -18.27 3.48 -28.40
N GLU E 22 -17.69 2.72 -29.31
CA GLU E 22 -17.62 1.28 -29.12
C GLU E 22 -16.70 0.90 -27.95
N GLY E 23 -15.73 1.76 -27.67
CA GLY E 23 -14.79 1.54 -26.59
C GLY E 23 -15.42 1.61 -25.21
N CYS E 24 -16.13 2.70 -24.94
CA CYS E 24 -16.79 2.86 -23.64
C CYS E 24 -17.89 1.83 -23.46
N LYS E 25 -18.58 1.49 -24.54
CA LYS E 25 -19.63 0.48 -24.49
C LYS E 25 -19.00 -0.83 -24.00
N ALA E 26 -17.98 -1.29 -24.72
CA ALA E 26 -17.28 -2.53 -24.39
C ALA E 26 -16.65 -2.49 -23.01
N PHE E 27 -16.04 -1.35 -22.67
CA PHE E 27 -15.41 -1.17 -21.37
C PHE E 27 -16.45 -1.38 -20.29
N PHE E 28 -17.54 -0.63 -20.35
CA PHE E 28 -18.62 -0.73 -19.36
C PHE E 28 -19.19 -2.15 -19.39
N LYS E 29 -19.31 -2.71 -20.58
CA LYS E 29 -19.83 -4.07 -20.76
C LYS E 29 -18.99 -5.03 -19.92
N ARG E 30 -17.67 -4.98 -20.10
CA ARG E 30 -16.74 -5.84 -19.37
C ARG E 30 -16.79 -5.57 -17.87
N SER E 31 -16.86 -4.30 -17.50
CA SER E 31 -16.89 -3.91 -16.10
C SER E 31 -18.13 -4.46 -15.40
N ILE E 32 -19.28 -4.34 -16.05
CA ILE E 32 -20.53 -4.84 -15.49
C ILE E 32 -20.54 -6.36 -15.50
N GLN E 33 -20.13 -6.92 -16.63
CA GLN E 33 -20.10 -8.37 -16.82
C GLN E 33 -19.07 -9.06 -15.94
N GLY E 34 -18.35 -8.29 -15.15
CA GLY E 34 -17.35 -8.88 -14.28
C GLY E 34 -16.70 -7.88 -13.35
N ASP E 37 -13.62 -3.37 -10.12
CA ASP E 37 -13.12 -2.65 -8.95
C ASP E 37 -11.73 -2.05 -9.19
N TYR E 38 -11.67 -1.01 -10.03
CA TYR E 38 -10.41 -0.36 -10.35
C TYR E 38 -10.01 0.62 -9.25
N MET E 39 -8.73 0.97 -9.23
CA MET E 39 -8.21 1.90 -8.25
C MET E 39 -7.61 3.09 -8.99
N CYS E 40 -8.11 4.28 -8.70
CA CYS E 40 -7.59 5.46 -9.35
C CYS E 40 -6.23 5.73 -8.75
N PRO E 41 -5.24 6.02 -9.59
CA PRO E 41 -3.91 6.29 -9.05
C PRO E 41 -3.79 7.73 -8.54
N ALA E 42 -4.78 8.57 -8.86
CA ALA E 42 -4.75 9.97 -8.44
C ALA E 42 -5.86 10.32 -7.43
N THR E 43 -6.62 11.37 -7.70
CA THR E 43 -7.64 11.81 -6.77
C THR E 43 -9.06 11.68 -7.28
N ASN E 44 -9.31 10.66 -8.09
CA ASN E 44 -10.63 10.39 -8.64
C ASN E 44 -11.27 11.54 -9.39
N GLN E 45 -10.46 12.28 -10.14
CA GLN E 45 -10.92 13.42 -10.94
C GLN E 45 -10.23 13.45 -12.30
N CYS E 46 -9.80 12.28 -12.79
CA CYS E 46 -9.11 12.21 -14.06
C CYS E 46 -9.99 12.52 -15.26
N THR E 47 -9.43 13.25 -16.20
CA THR E 47 -10.11 13.61 -17.43
C THR E 47 -10.18 12.36 -18.32
N ILE E 48 -11.32 12.13 -18.94
CA ILE E 48 -11.48 11.00 -19.85
C ILE E 48 -11.70 11.70 -21.18
N ASP E 49 -10.68 11.68 -22.03
CA ASP E 49 -10.74 12.34 -23.33
C ASP E 49 -9.88 11.62 -24.35
N LYS E 50 -10.52 10.84 -25.22
CA LYS E 50 -9.86 10.07 -26.25
C LYS E 50 -8.94 10.86 -27.17
N ASN E 51 -9.35 12.06 -27.56
CA ASN E 51 -8.55 12.89 -28.46
C ASN E 51 -7.19 13.27 -27.85
N ARG E 52 -7.16 13.39 -26.53
CA ARG E 52 -5.92 13.75 -25.82
C ARG E 52 -5.24 12.55 -25.15
N ARG E 53 -5.63 11.35 -25.56
CA ARG E 53 -5.04 10.13 -25.00
C ARG E 53 -5.03 10.11 -23.48
N LYS E 54 -6.06 10.71 -22.88
CA LYS E 54 -6.19 10.76 -21.43
C LYS E 54 -7.30 9.82 -21.00
N SER E 55 -6.99 8.91 -20.08
CA SER E 55 -7.99 7.98 -19.58
C SER E 55 -7.50 7.33 -18.29
N CYS E 56 -8.45 6.93 -17.45
CA CYS E 56 -8.18 6.27 -16.16
C CYS E 56 -9.31 5.27 -15.98
N GLN E 57 -8.98 4.00 -15.76
CA GLN E 57 -9.97 2.96 -15.59
C GLN E 57 -10.99 3.25 -14.50
N ALA E 58 -10.51 3.62 -13.31
CA ALA E 58 -11.41 3.92 -12.22
C ALA E 58 -12.32 5.10 -12.53
N CYS E 59 -11.75 6.15 -13.10
CA CYS E 59 -12.52 7.33 -13.43
C CYS E 59 -13.38 7.15 -14.68
N ARG E 60 -13.00 6.20 -15.52
CA ARG E 60 -13.76 5.93 -16.73
C ARG E 60 -15.06 5.26 -16.33
N LEU E 61 -14.95 4.25 -15.48
CA LEU E 61 -16.11 3.52 -15.01
C LEU E 61 -17.02 4.46 -14.23
N ARG E 62 -16.40 5.25 -13.37
CA ARG E 62 -17.10 6.22 -12.53
C ARG E 62 -17.91 7.17 -13.43
N LYS E 63 -17.26 7.68 -14.47
CA LYS E 63 -17.91 8.58 -15.41
C LYS E 63 -19.00 7.87 -16.23
N CYS E 64 -18.76 6.61 -16.56
CA CYS E 64 -19.73 5.83 -17.32
C CYS E 64 -21.06 5.89 -16.60
N TYR E 65 -21.03 5.62 -15.30
CA TYR E 65 -22.23 5.65 -14.47
C TYR E 65 -22.84 7.04 -14.38
N GLU E 66 -21.99 8.05 -14.18
CA GLU E 66 -22.43 9.42 -14.05
C GLU E 66 -23.21 9.95 -15.26
N VAL E 67 -22.75 9.64 -16.45
CA VAL E 67 -23.41 10.11 -17.65
C VAL E 67 -24.71 9.38 -17.98
N GLY E 68 -25.06 8.36 -17.19
CA GLY E 68 -26.30 7.65 -17.44
C GLY E 68 -26.24 6.15 -17.62
N MET E 69 -25.10 5.62 -18.04
CA MET E 69 -24.97 4.17 -18.24
C MET E 69 -25.41 3.36 -17.03
N MET E 70 -26.15 2.29 -17.26
CA MET E 70 -26.63 1.45 -16.17
C MET E 70 -27.00 0.03 -16.60
N LYS E 71 -27.18 -0.17 -17.90
CA LYS E 71 -27.55 -1.49 -18.43
C LYS E 71 -26.72 -2.63 -17.85
N THR F 1 18.48 -6.27 1.33
CA THR F 1 17.27 -6.19 0.53
C THR F 1 17.03 -4.77 -0.02
N ARG F 2 16.86 -4.68 -1.33
CA ARG F 2 16.61 -3.41 -2.01
C ARG F 2 15.17 -3.40 -2.50
N TYR F 3 14.62 -2.21 -2.68
CA TYR F 3 13.25 -2.03 -3.15
C TYR F 3 13.28 -1.12 -4.36
N CYS F 4 12.41 -1.41 -5.31
CA CYS F 4 12.30 -0.61 -6.52
C CYS F 4 12.09 0.83 -6.12
N ALA F 5 12.92 1.70 -6.66
CA ALA F 5 12.85 3.11 -6.38
C ALA F 5 11.64 3.77 -7.05
N VAL F 6 10.94 3.02 -7.90
CA VAL F 6 9.79 3.55 -8.62
C VAL F 6 8.43 3.09 -8.10
N CYS F 7 8.21 1.77 -8.01
CA CYS F 7 6.93 1.25 -7.56
C CYS F 7 7.02 0.63 -6.18
N ASN F 8 8.23 0.60 -5.64
CA ASN F 8 8.52 0.03 -4.33
C ASN F 8 8.31 -1.46 -4.18
N ASP F 9 8.27 -2.17 -5.30
CA ASP F 9 8.15 -3.62 -5.30
C ASP F 9 9.60 -4.06 -5.05
N TYR F 10 9.82 -5.33 -4.74
CA TYR F 10 11.20 -5.80 -4.50
C TYR F 10 12.07 -5.55 -5.72
N ALA F 11 13.25 -4.98 -5.50
CA ALA F 11 14.18 -4.68 -6.58
C ALA F 11 14.86 -5.97 -7.05
N SER F 12 14.97 -6.13 -8.37
CA SER F 12 15.60 -7.31 -8.93
C SER F 12 17.09 -7.08 -9.10
N GLY F 13 17.47 -5.83 -9.35
CA GLY F 13 18.87 -5.51 -9.53
C GLY F 13 19.03 -4.03 -9.80
N TYR F 14 20.27 -3.60 -10.02
CA TYR F 14 20.55 -2.21 -10.28
C TYR F 14 20.39 -1.94 -11.77
N HIS F 15 19.15 -1.72 -12.19
CA HIS F 15 18.85 -1.49 -13.59
C HIS F 15 18.80 -0.01 -13.96
N TYR F 16 19.40 0.33 -15.09
CA TYR F 16 19.44 1.70 -15.63
C TYR F 16 19.94 2.78 -14.67
N GLY F 17 20.70 2.35 -13.66
CA GLY F 17 21.24 3.30 -12.72
C GLY F 17 20.52 3.34 -11.39
N VAL F 18 19.43 2.60 -11.25
CA VAL F 18 18.69 2.61 -10.01
C VAL F 18 18.24 1.22 -9.67
N TRP F 19 17.91 1.01 -8.40
CA TRP F 19 17.42 -0.29 -7.95
C TRP F 19 15.96 -0.36 -8.39
N SER F 20 15.66 -1.31 -9.27
CA SER F 20 14.31 -1.46 -9.75
C SER F 20 13.92 -2.92 -9.91
N CYS F 21 12.62 -3.14 -10.02
CA CYS F 21 12.05 -4.46 -10.20
C CYS F 21 12.13 -4.76 -11.69
N GLU F 22 11.67 -5.94 -12.10
CA GLU F 22 11.69 -6.31 -13.51
C GLU F 22 10.62 -5.55 -14.30
N GLY F 23 9.52 -5.23 -13.63
CA GLY F 23 8.44 -4.50 -14.26
C GLY F 23 8.86 -3.13 -14.73
N CYS F 24 9.37 -2.31 -13.81
CA CYS F 24 9.80 -0.96 -14.18
C CYS F 24 10.99 -0.99 -15.13
N LYS F 25 11.88 -1.95 -14.96
CA LYS F 25 13.04 -2.08 -15.84
C LYS F 25 12.54 -2.26 -17.29
N ALA F 26 11.67 -3.26 -17.51
CA ALA F 26 11.13 -3.54 -18.83
C ALA F 26 10.35 -2.34 -19.37
N PHE F 27 9.63 -1.66 -18.49
CA PHE F 27 8.85 -0.49 -18.86
C PHE F 27 9.77 0.61 -19.40
N PHE F 28 10.87 0.87 -18.70
CA PHE F 28 11.84 1.90 -19.13
C PHE F 28 12.46 1.47 -20.47
N LYS F 29 12.80 0.18 -20.56
CA LYS F 29 13.36 -0.41 -21.78
C LYS F 29 12.45 -0.06 -22.96
N ARG F 30 11.20 -0.47 -22.88
CA ARG F 30 10.23 -0.19 -23.93
C ARG F 30 10.05 1.31 -24.18
N SER F 31 10.03 2.10 -23.12
CA SER F 31 9.84 3.53 -23.25
C SER F 31 10.98 4.34 -23.85
N ILE F 32 12.21 3.82 -23.80
CA ILE F 32 13.34 4.54 -24.37
C ILE F 32 13.67 4.02 -25.77
N GLN F 33 13.18 2.82 -26.07
CA GLN F 33 13.39 2.21 -27.37
C GLN F 33 12.21 2.55 -28.27
N GLY F 34 11.95 3.83 -28.44
CA GLY F 34 10.83 4.27 -29.27
C GLY F 34 10.02 5.38 -28.63
N HIS F 35 9.78 6.45 -29.38
CA HIS F 35 9.01 7.59 -28.89
C HIS F 35 7.59 7.21 -28.49
N ASN F 36 7.30 7.27 -27.19
CA ASN F 36 5.98 6.92 -26.68
C ASN F 36 5.15 8.13 -26.29
N ASP F 37 3.85 8.04 -26.59
CA ASP F 37 2.90 9.12 -26.31
C ASP F 37 2.76 9.48 -24.83
N TYR F 38 2.22 8.54 -24.05
CA TYR F 38 1.96 8.71 -22.61
C TYR F 38 1.34 10.03 -22.21
N MET F 39 0.09 9.97 -21.78
CA MET F 39 -0.61 11.17 -21.37
C MET F 39 -1.22 10.91 -19.99
N CYS F 40 -0.86 11.76 -19.04
CA CYS F 40 -1.42 11.63 -17.71
C CYS F 40 -2.80 12.25 -17.79
N PRO F 41 -3.81 11.57 -17.24
CA PRO F 41 -5.18 12.11 -17.29
C PRO F 41 -5.41 13.16 -16.18
N ALA F 42 -4.61 13.07 -15.12
CA ALA F 42 -4.73 13.97 -13.97
C ALA F 42 -3.73 15.13 -13.96
N THR F 43 -3.01 15.32 -12.85
CA THR F 43 -2.07 16.44 -12.75
C THR F 43 -0.58 16.10 -12.78
N ASN F 44 -0.25 14.87 -13.16
CA ASN F 44 1.14 14.41 -13.23
C ASN F 44 1.69 14.18 -11.84
N GLN F 45 0.85 13.64 -10.97
CA GLN F 45 1.25 13.36 -9.60
C GLN F 45 0.57 12.09 -9.13
N CYS F 46 0.35 11.18 -10.06
CA CYS F 46 -0.27 9.91 -9.71
C CYS F 46 0.71 9.10 -8.89
N THR F 47 0.17 8.25 -8.03
CA THR F 47 0.97 7.39 -7.17
C THR F 47 1.41 6.14 -7.89
N ILE F 48 2.69 5.82 -7.79
CA ILE F 48 3.22 4.61 -8.42
C ILE F 48 3.55 3.67 -7.29
N ASP F 49 2.83 2.55 -7.23
CA ASP F 49 3.01 1.55 -6.20
C ASP F 49 2.78 0.19 -6.85
N LYS F 50 3.32 -0.87 -6.26
CA LYS F 50 3.15 -2.22 -6.79
C LYS F 50 1.66 -2.54 -6.91
N ARG F 53 2.19 1.81 -10.27
CA ARG F 53 2.65 1.65 -11.65
C ARG F 53 1.49 1.13 -12.49
N LYS F 54 1.78 0.73 -13.72
CA LYS F 54 0.80 0.16 -14.65
C LYS F 54 -0.32 1.12 -15.07
N SER F 55 -1.12 1.58 -14.11
CA SER F 55 -2.21 2.51 -14.39
C SER F 55 -1.69 3.76 -15.09
N CYS F 56 -1.03 4.66 -14.35
CA CYS F 56 -0.54 5.84 -15.04
C CYS F 56 0.85 5.68 -15.61
N GLN F 57 0.89 5.35 -16.89
CA GLN F 57 2.13 5.15 -17.61
C GLN F 57 2.94 6.43 -17.67
N ALA F 58 2.26 7.56 -17.82
CA ALA F 58 2.94 8.85 -17.91
C ALA F 58 3.72 9.17 -16.65
N CYS F 59 3.11 8.91 -15.50
CA CYS F 59 3.74 9.19 -14.22
C CYS F 59 4.75 8.12 -13.83
N ARG F 60 4.56 6.90 -14.34
CA ARG F 60 5.49 5.82 -14.04
C ARG F 60 6.81 6.17 -14.72
N LEU F 61 6.74 6.62 -15.96
CA LEU F 61 7.94 6.98 -16.69
C LEU F 61 8.53 8.26 -16.10
N ARG F 62 7.67 9.13 -15.57
CA ARG F 62 8.11 10.39 -14.98
C ARG F 62 8.94 10.03 -13.78
N LYS F 63 8.46 9.09 -13.00
CA LYS F 63 9.17 8.65 -11.82
C LYS F 63 10.49 7.97 -12.16
N CYS F 64 10.49 7.16 -13.23
CA CYS F 64 11.70 6.47 -13.66
C CYS F 64 12.85 7.46 -13.83
N TYR F 65 12.59 8.55 -14.54
CA TYR F 65 13.60 9.56 -14.75
C TYR F 65 13.91 10.30 -13.45
N GLU F 66 12.86 10.66 -12.71
CA GLU F 66 13.00 11.37 -11.44
C GLU F 66 13.98 10.68 -10.50
N VAL F 67 13.78 9.38 -10.31
CA VAL F 67 14.63 8.59 -9.45
C VAL F 67 16.00 8.30 -10.05
N GLY F 68 16.32 8.95 -11.17
CA GLY F 68 17.63 8.78 -11.77
C GLY F 68 17.87 7.81 -12.92
N MET F 69 16.85 7.09 -13.37
CA MET F 69 17.04 6.17 -14.49
C MET F 69 17.54 6.93 -15.71
N MET F 70 18.43 6.31 -16.47
CA MET F 70 18.97 6.96 -17.64
C MET F 70 19.33 5.89 -18.67
N LYS F 71 19.45 6.30 -19.94
CA LYS F 71 19.81 5.40 -21.02
C LYS F 71 19.21 5.84 -22.37
#